data_6JJR
#
_entry.id   6JJR
#
_cell.length_a   42.295
_cell.length_b   86.161
_cell.length_c   105.134
_cell.angle_alpha   90.00
_cell.angle_beta   90.00
_cell.angle_gamma   90.00
#
_symmetry.space_group_name_H-M   'P 2 21 21'
#
loop_
_entity.id
_entity.type
_entity.pdbx_description
1 polymer Chitotriosidase-1
2 non-polymer 6-azanyl-2-oxidanylidene-N-[(1S)-1-phenylethyl]-7-(phenylmethyl)-1$l^{4},9-diaza-7-azoniatricyclo[8.4.0.0^{3,8}]tetradeca-1(14),3(8),4,6,10,12-hexaene-5-carboxamide
3 water water
#
_entity_poly.entity_id   1
_entity_poly.type   'polypeptide(L)'
_entity_poly.pdbx_seq_one_letter_code
;AKLVCYFTNWAQYRQGEARFLPKDLDPSLCTHLIYAFAGMTNHQLSTTEWNDETLYQEFNGLKKMNPKLKTLLAIGGWNF
GTQKFTDMVATANNRQTFVNSAIRFLRKYSFDGLDLDWEYPGSQGSPAVDKERFTTLVQDLANAFQQEAQTSGKERLLLS
AAVPAGQTYVDAGYEVDKIAQNLDFVNLMAYDFHGSWEKVTGHNSPLYKRQEESGAAASLNVDAAVQQWLQKGTPASKLI
LGMPTYGRSFTLASSSDTRVGAPATGSGTPGPFTKEGGMLAYYEVCSWKGATKQRIQDQKVPYIFRDNQWVGFDDVESFK
TKVSYLKQKGLGGAMVWALDLDDFAGFSCNQGRYPLIQTLRQELSLPYLPSGTPEHHHHHH
;
_entity_poly.pdbx_strand_id   A
#
# COMPACT_ATOMS: atom_id res chain seq x y z
N ALA A 1 9.86 15.68 -1.14
CA ALA A 1 9.37 14.34 -1.43
C ALA A 1 8.76 13.68 -0.19
N LYS A 2 7.79 12.79 -0.41
CA LYS A 2 7.18 12.04 0.67
C LYS A 2 7.68 10.60 0.67
N LEU A 3 7.77 10.02 1.86
CA LEU A 3 7.98 8.58 2.04
C LEU A 3 6.87 8.11 2.96
N VAL A 4 5.84 7.51 2.38
CA VAL A 4 4.64 7.09 3.09
C VAL A 4 4.78 5.61 3.41
N CYS A 5 4.64 5.25 4.69
CA CYS A 5 4.89 3.88 5.11
C CYS A 5 3.70 3.35 5.88
N TYR A 6 3.27 2.13 5.55
CA TYR A 6 2.12 1.49 6.16
C TYR A 6 2.54 0.59 7.31
N PHE A 7 1.92 0.80 8.47
CA PHE A 7 1.98 -0.10 9.63
C PHE A 7 0.74 -0.99 9.62
N THR A 8 0.90 -2.27 9.96
CA THR A 8 -0.23 -3.19 10.01
C THR A 8 -0.45 -3.66 11.45
N ASN A 9 -1.71 -3.62 11.89
CA ASN A 9 -2.01 -3.93 13.29
C ASN A 9 -2.20 -5.42 13.54
N TRP A 10 -1.88 -6.27 12.56
CA TRP A 10 -1.84 -7.71 12.79
C TRP A 10 -0.42 -8.27 12.75
N ALA A 11 0.58 -7.46 12.42
CA ALA A 11 1.96 -7.93 12.47
C ALA A 11 2.41 -8.26 13.88
N GLN A 12 1.71 -7.74 14.89
CA GLN A 12 2.01 -8.04 16.28
C GLN A 12 1.80 -9.51 16.63
N TYR A 13 1.09 -10.28 15.79
CA TYR A 13 0.81 -11.68 16.08
C TYR A 13 1.76 -12.64 15.40
N ARG A 14 2.73 -12.15 14.61
CA ARG A 14 3.69 -13.05 14.00
C ARG A 14 4.65 -13.58 15.04
N GLN A 15 5.22 -14.76 14.78
CA GLN A 15 6.06 -15.45 15.74
C GLN A 15 7.50 -14.99 15.67
N GLY A 16 8.21 -15.21 16.78
CA GLY A 16 9.65 -15.07 16.78
C GLY A 16 10.10 -13.67 16.43
N GLU A 17 11.20 -13.59 15.68
CA GLU A 17 11.79 -12.31 15.31
C GLU A 17 10.97 -11.55 14.28
N ALA A 18 9.94 -12.17 13.70
CA ALA A 18 9.07 -11.48 12.76
C ALA A 18 7.97 -10.69 13.46
N ARG A 19 7.84 -10.83 14.78
CA ARG A 19 6.82 -10.08 15.49
C ARG A 19 7.13 -8.59 15.43
N PHE A 20 6.17 -7.79 14.98
CA PHE A 20 6.33 -6.36 14.84
C PHE A 20 5.47 -5.65 15.89
N LEU A 21 6.12 -4.84 16.72
CA LEU A 21 5.42 -4.21 17.84
C LEU A 21 5.93 -2.77 18.02
N PRO A 22 5.44 -2.00 19.04
CA PRO A 22 5.81 -0.58 19.15
C PRO A 22 7.26 -0.24 18.91
N LYS A 23 8.15 -0.90 19.66
CA LYS A 23 9.57 -0.57 19.66
C LYS A 23 10.20 -0.64 18.27
N ASP A 24 9.59 -1.36 17.34
CA ASP A 24 10.21 -1.55 16.02
C ASP A 24 9.97 -0.38 15.07
N LEU A 25 9.14 0.59 15.45
CA LEU A 25 8.90 1.75 14.61
C LEU A 25 10.02 2.76 14.76
N ASP A 26 10.49 3.28 13.63
CA ASP A 26 11.50 4.33 13.59
C ASP A 26 10.81 5.65 13.32
N PRO A 27 10.90 6.63 14.22
CA PRO A 27 10.13 7.87 14.03
C PRO A 27 10.65 8.77 12.92
N SER A 28 11.85 8.53 12.40
CA SER A 28 12.40 9.38 11.36
C SER A 28 12.71 8.63 10.07
N LEU A 29 12.25 7.39 9.94
CA LEU A 29 12.47 6.64 8.71
C LEU A 29 11.63 7.17 7.57
N CYS A 30 10.36 7.46 7.81
CA CYS A 30 9.43 7.95 6.81
C CYS A 30 8.96 9.36 7.17
N THR A 31 8.31 10.01 6.21
CA THR A 31 7.67 11.30 6.45
C THR A 31 6.22 11.16 6.88
N HIS A 32 5.54 10.10 6.46
CA HIS A 32 4.15 9.84 6.81
C HIS A 32 4.00 8.37 7.18
N LEU A 33 3.38 8.10 8.33
CA LEU A 33 3.07 6.74 8.77
C LEU A 33 1.57 6.56 8.73
N ILE A 34 1.11 5.46 8.12
CA ILE A 34 -0.30 5.20 7.97
C ILE A 34 -0.63 3.90 8.68
N TYR A 35 -1.66 3.95 9.54
CA TYR A 35 -2.03 2.84 10.40
C TYR A 35 -3.11 2.02 9.72
N ALA A 36 -2.81 0.77 9.39
CA ALA A 36 -3.76 -0.14 8.75
C ALA A 36 -4.17 -1.23 9.74
N PHE A 37 -5.47 -1.39 9.98
CA PHE A 37 -6.58 -0.63 9.40
C PHE A 37 -7.58 -0.28 10.49
N ALA A 38 -8.36 0.77 10.26
CA ALA A 38 -9.60 0.97 11.00
C ALA A 38 -10.75 0.33 10.25
N GLY A 39 -11.86 0.12 10.96
CA GLY A 39 -13.06 -0.44 10.36
C GLY A 39 -14.25 0.50 10.49
N MET A 40 -15.45 -0.06 10.44
CA MET A 40 -16.67 0.74 10.46
C MET A 40 -17.76 0.00 11.21
N THR A 41 -18.46 0.70 12.09
CA THR A 41 -19.56 0.14 12.86
C THR A 41 -20.70 1.15 12.85
N ASN A 42 -21.86 0.74 12.32
CA ASN A 42 -23.03 1.62 12.22
C ASN A 42 -22.66 2.92 11.53
N HIS A 43 -21.90 2.79 10.43
CA HIS A 43 -21.45 3.89 9.56
C HIS A 43 -20.47 4.83 10.27
N GLN A 44 -19.85 4.39 11.37
CA GLN A 44 -18.91 5.22 12.13
C GLN A 44 -17.55 4.53 12.22
N LEU A 45 -16.50 5.33 12.15
CA LEU A 45 -15.14 4.83 12.21
C LEU A 45 -14.89 4.09 13.53
N SER A 46 -14.22 2.94 13.46
CA SER A 46 -14.00 2.13 14.65
C SER A 46 -12.73 1.30 14.54
N THR A 47 -12.25 0.85 15.69
CA THR A 47 -11.07 -0.01 15.75
C THR A 47 -11.38 -1.41 15.22
N THR A 48 -10.31 -2.15 14.90
CA THR A 48 -10.44 -3.53 14.46
C THR A 48 -9.69 -4.55 15.32
N GLU A 49 -8.74 -4.12 16.16
CA GLU A 49 -8.03 -5.03 17.06
C GLU A 49 -8.25 -4.60 18.50
N TRP A 50 -8.19 -5.59 19.40
CA TRP A 50 -8.51 -5.37 20.82
C TRP A 50 -7.62 -4.32 21.47
N ASN A 51 -6.38 -4.15 20.99
CA ASN A 51 -5.44 -3.22 21.61
C ASN A 51 -5.13 -2.01 20.73
N ASP A 52 -6.01 -1.69 19.78
CA ASP A 52 -5.72 -0.58 18.87
C ASP A 52 -5.49 0.72 19.64
N GLU A 53 -6.27 0.96 20.70
CA GLU A 53 -6.11 2.20 21.45
C GLU A 53 -4.73 2.29 22.10
N THR A 54 -4.20 1.16 22.58
CA THR A 54 -2.83 1.15 23.08
C THR A 54 -1.85 1.47 21.95
N LEU A 55 -2.03 0.83 20.79
CA LEU A 55 -1.10 1.05 19.68
C LEU A 55 -1.19 2.46 19.13
N TYR A 56 -2.41 3.02 19.06
CA TYR A 56 -2.57 4.42 18.66
C TYR A 56 -1.69 5.34 19.49
N GLN A 57 -1.64 5.10 20.80
CA GLN A 57 -0.84 5.95 21.69
C GLN A 57 0.64 5.83 21.35
N GLU A 58 1.11 4.60 21.16
CA GLU A 58 2.48 4.36 20.73
C GLU A 58 2.74 4.98 19.37
N PHE A 59 1.86 4.69 18.41
CA PHE A 59 2.00 5.19 17.04
C PHE A 59 2.13 6.70 17.02
N ASN A 60 1.13 7.40 17.53
CA ASN A 60 1.16 8.85 17.49
C ASN A 60 2.11 9.47 18.52
N GLY A 61 2.56 8.68 19.50
CA GLY A 61 3.62 9.13 20.39
C GLY A 61 4.97 9.29 19.72
N LEU A 62 5.15 8.71 18.53
CA LEU A 62 6.38 8.92 17.78
C LEU A 62 6.60 10.39 17.45
N LYS A 63 5.50 11.16 17.33
CA LYS A 63 5.62 12.57 17.00
C LYS A 63 6.27 13.37 18.10
N LYS A 64 6.36 12.83 19.32
CA LYS A 64 7.14 13.49 20.36
C LYS A 64 8.62 13.44 20.05
N MET A 65 9.07 12.37 19.40
CA MET A 65 10.48 12.26 19.01
C MET A 65 10.76 13.03 17.72
N ASN A 66 9.84 12.96 16.75
CA ASN A 66 9.98 13.66 15.48
C ASN A 66 8.73 14.51 15.27
N PRO A 67 8.76 15.78 15.67
CA PRO A 67 7.56 16.63 15.57
C PRO A 67 7.08 16.87 14.13
N LYS A 68 7.92 16.62 13.13
CA LYS A 68 7.49 16.81 11.75
C LYS A 68 6.81 15.58 11.14
N LEU A 69 6.88 14.43 11.82
CA LEU A 69 6.20 13.24 11.36
C LEU A 69 4.70 13.47 11.30
N LYS A 70 4.07 12.99 10.23
CA LYS A 70 2.62 13.03 10.08
C LYS A 70 2.07 11.63 10.14
N THR A 71 0.93 11.45 10.82
CA THR A 71 0.32 10.12 10.93
C THR A 71 -1.08 10.14 10.36
N LEU A 72 -1.48 9.04 9.74
CA LEU A 72 -2.82 8.90 9.21
C LEU A 72 -3.38 7.54 9.59
N LEU A 73 -4.70 7.46 9.65
CA LEU A 73 -5.40 6.20 9.90
C LEU A 73 -6.09 5.77 8.61
N ALA A 74 -5.82 4.54 8.17
CA ALA A 74 -6.41 3.99 6.96
C ALA A 74 -7.63 3.15 7.31
N ILE A 75 -8.73 3.35 6.59
CA ILE A 75 -9.95 2.57 6.77
C ILE A 75 -10.14 1.65 5.57
N GLY A 76 -10.41 0.38 5.84
CA GLY A 76 -10.74 -0.54 4.76
C GLY A 76 -9.73 -1.66 4.59
N GLY A 77 -9.15 -1.76 3.41
CA GLY A 77 -8.28 -2.86 3.09
C GLY A 77 -9.00 -3.96 2.33
N TRP A 78 -8.21 -4.87 1.77
CA TRP A 78 -8.76 -5.91 0.92
C TRP A 78 -9.78 -6.77 1.66
N ASN A 79 -9.41 -7.27 2.84
CA ASN A 79 -10.29 -8.19 3.56
C ASN A 79 -11.56 -7.52 4.07
N PHE A 80 -11.56 -6.19 4.20
CA PHE A 80 -12.73 -5.48 4.69
C PHE A 80 -13.91 -5.59 3.72
N GLY A 81 -13.65 -5.81 2.44
CA GLY A 81 -14.76 -5.88 1.51
C GLY A 81 -15.36 -4.50 1.26
N THR A 82 -16.57 -4.52 0.68
CA THR A 82 -17.19 -3.30 0.18
C THR A 82 -18.56 -2.99 0.76
N GLN A 83 -19.25 -3.96 1.37
CA GLN A 83 -20.65 -3.76 1.73
C GLN A 83 -20.82 -2.58 2.69
N LYS A 84 -19.94 -2.46 3.68
CA LYS A 84 -20.07 -1.37 4.64
C LYS A 84 -19.81 -0.03 3.99
N PHE A 85 -18.89 0.03 3.02
CA PHE A 85 -18.71 1.27 2.29
C PHE A 85 -19.93 1.61 1.45
N THR A 86 -20.48 0.61 0.75
CA THR A 86 -21.67 0.82 -0.08
C THR A 86 -22.85 1.33 0.75
N ASP A 87 -23.08 0.72 1.91
CA ASP A 87 -24.20 1.16 2.76
C ASP A 87 -23.98 2.56 3.31
N MET A 88 -22.73 2.93 3.57
CA MET A 88 -22.44 4.21 4.19
C MET A 88 -22.56 5.36 3.18
N VAL A 89 -22.17 5.16 1.92
CA VAL A 89 -22.26 6.23 0.94
C VAL A 89 -23.61 6.27 0.25
N ALA A 90 -24.52 5.35 0.57
CA ALA A 90 -25.81 5.29 -0.12
C ALA A 90 -26.67 6.51 0.12
N THR A 91 -26.55 7.16 1.29
CA THR A 91 -27.37 8.31 1.62
C THR A 91 -26.50 9.43 2.20
N ALA A 92 -26.95 10.66 1.97
CA ALA A 92 -26.25 11.82 2.54
C ALA A 92 -26.20 11.75 4.05
N ASN A 93 -27.26 11.23 4.69
CA ASN A 93 -27.26 11.13 6.14
C ASN A 93 -26.20 10.16 6.62
N ASN A 94 -26.03 9.03 5.95
CA ASN A 94 -25.03 8.04 6.37
C ASN A 94 -23.62 8.57 6.14
N ARG A 95 -23.39 9.28 5.04
CA ARG A 95 -22.09 9.90 4.81
C ARG A 95 -21.78 10.93 5.89
N GLN A 96 -22.77 11.75 6.24
CA GLN A 96 -22.57 12.76 7.27
C GLN A 96 -22.23 12.09 8.61
N THR A 97 -22.94 11.02 8.96
CA THR A 97 -22.62 10.28 10.16
C THR A 97 -21.17 9.83 10.14
N PHE A 98 -20.72 9.27 9.02
CA PHE A 98 -19.36 8.78 8.92
C PHE A 98 -18.34 9.91 9.02
N VAL A 99 -18.58 10.99 8.27
CA VAL A 99 -17.62 12.10 8.23
C VAL A 99 -17.44 12.70 9.62
N ASN A 100 -18.54 12.95 10.32
CA ASN A 100 -18.43 13.54 11.65
C ASN A 100 -17.72 12.60 12.61
N SER A 101 -18.02 11.29 12.52
CA SER A 101 -17.35 10.31 13.39
C SER A 101 -15.86 10.27 13.10
N ALA A 102 -15.48 10.40 11.84
CA ALA A 102 -14.05 10.35 11.48
C ALA A 102 -13.29 11.51 12.09
N ILE A 103 -13.86 12.71 12.01
CA ILE A 103 -13.18 13.87 12.57
C ILE A 103 -13.00 13.72 14.09
N ARG A 104 -14.04 13.29 14.78
CA ARG A 104 -13.93 13.11 16.23
C ARG A 104 -12.91 12.03 16.59
N PHE A 105 -12.96 10.93 15.84
CA PHE A 105 -12.09 9.80 16.08
C PHE A 105 -10.62 10.14 15.85
N LEU A 106 -10.34 10.83 14.75
CA LEU A 106 -8.96 11.22 14.46
C LEU A 106 -8.43 12.21 15.50
N ARG A 107 -9.23 13.22 15.86
CA ARG A 107 -8.80 14.19 16.87
C ARG A 107 -8.62 13.52 18.23
N LYS A 108 -9.53 12.60 18.59
CA LYS A 108 -9.43 11.95 19.90
C LYS A 108 -8.12 11.20 20.05
N TYR A 109 -7.67 10.51 19.00
CA TYR A 109 -6.50 9.67 19.09
C TYR A 109 -5.25 10.31 18.48
N SER A 110 -5.33 11.58 18.08
CA SER A 110 -4.17 12.37 17.65
C SER A 110 -3.59 11.89 16.33
N PHE A 111 -4.46 11.47 15.41
CA PHE A 111 -4.05 11.27 14.03
C PHE A 111 -4.10 12.58 13.27
N ASP A 112 -3.25 12.69 12.25
CA ASP A 112 -3.21 13.90 11.44
C ASP A 112 -4.05 13.82 10.18
N GLY A 113 -4.63 12.67 9.86
CA GLY A 113 -5.46 12.56 8.69
C GLY A 113 -6.03 11.16 8.53
N LEU A 114 -6.77 10.99 7.43
CA LEU A 114 -7.47 9.74 7.10
C LEU A 114 -7.05 9.25 5.71
N ASP A 115 -6.83 7.94 5.60
CA ASP A 115 -6.47 7.30 4.34
C ASP A 115 -7.60 6.37 3.94
N LEU A 116 -8.22 6.62 2.79
CA LEU A 116 -9.34 5.83 2.32
C LEU A 116 -8.79 4.63 1.54
N ASP A 117 -9.06 3.42 2.03
CA ASP A 117 -8.63 2.19 1.37
CA ASP A 117 -8.64 2.19 1.37
C ASP A 117 -9.83 1.30 1.05
N TRP A 118 -10.87 1.89 0.45
CA TRP A 118 -12.00 1.12 -0.04
C TRP A 118 -11.55 0.31 -1.25
N GLU A 119 -11.71 -1.01 -1.18
CA GLU A 119 -11.21 -1.89 -2.25
C GLU A 119 -12.36 -2.77 -2.76
N TYR A 120 -13.11 -2.29 -3.76
CA TYR A 120 -13.01 -0.97 -4.38
C TYR A 120 -14.42 -0.52 -4.74
N PRO A 121 -14.68 0.78 -4.83
CA PRO A 121 -15.97 1.23 -5.37
C PRO A 121 -16.13 0.74 -6.80
N GLY A 122 -17.27 0.14 -7.10
CA GLY A 122 -17.55 -0.38 -8.42
C GLY A 122 -17.03 -1.78 -8.69
N SER A 123 -16.22 -2.34 -7.80
CA SER A 123 -15.69 -3.70 -7.95
C SER A 123 -15.86 -4.45 -6.63
N GLN A 124 -15.44 -5.72 -6.62
CA GLN A 124 -15.51 -6.56 -5.43
C GLN A 124 -16.92 -6.57 -4.84
N GLY A 125 -17.92 -6.63 -5.72
CA GLY A 125 -19.31 -6.65 -5.31
C GLY A 125 -19.98 -5.29 -5.22
N SER A 126 -19.21 -4.21 -5.22
CA SER A 126 -19.79 -2.87 -5.07
C SER A 126 -20.47 -2.45 -6.38
N PRO A 127 -21.66 -1.86 -6.29
CA PRO A 127 -22.41 -1.49 -7.50
C PRO A 127 -21.83 -0.27 -8.20
N ALA A 128 -22.25 -0.12 -9.47
CA ALA A 128 -21.68 0.92 -10.33
C ALA A 128 -22.00 2.33 -9.82
N VAL A 129 -23.10 2.49 -9.08
CA VAL A 129 -23.44 3.81 -8.53
C VAL A 129 -22.39 4.28 -7.53
N ASP A 130 -21.55 3.37 -7.01
CA ASP A 130 -20.58 3.76 -6.00
C ASP A 130 -19.43 4.57 -6.57
N LYS A 131 -19.23 4.53 -7.89
CA LYS A 131 -18.19 5.35 -8.51
C LYS A 131 -18.45 6.83 -8.22
N GLU A 132 -19.65 7.31 -8.54
CA GLU A 132 -19.98 8.70 -8.24
C GLU A 132 -20.15 8.92 -6.73
N ARG A 133 -20.65 7.93 -6.00
CA ARG A 133 -20.78 8.13 -4.56
C ARG A 133 -19.43 8.19 -3.87
N PHE A 134 -18.41 7.53 -4.43
CA PHE A 134 -17.06 7.67 -3.88
C PHE A 134 -16.54 9.09 -4.12
N THR A 135 -16.80 9.65 -5.30
CA THR A 135 -16.41 11.04 -5.56
C THR A 135 -17.06 11.96 -4.53
N THR A 136 -18.34 11.74 -4.23
CA THR A 136 -19.04 12.58 -3.26
C THR A 136 -18.47 12.42 -1.86
N LEU A 137 -18.15 11.18 -1.46
CA LEU A 137 -17.58 10.94 -0.14
C LEU A 137 -16.25 11.65 0.02
N VAL A 138 -15.40 11.59 -1.02
CA VAL A 138 -14.12 12.28 -0.97
C VAL A 138 -14.34 13.79 -0.83
N GLN A 139 -15.29 14.32 -1.58
CA GLN A 139 -15.63 15.74 -1.47
C GLN A 139 -16.17 16.08 -0.09
N ASP A 140 -17.05 15.23 0.44
CA ASP A 140 -17.61 15.48 1.78
C ASP A 140 -16.51 15.56 2.82
N LEU A 141 -15.57 14.62 2.78
CA LEU A 141 -14.49 14.60 3.75
C LEU A 141 -13.57 15.81 3.60
N ALA A 142 -13.16 16.11 2.37
CA ALA A 142 -12.28 17.25 2.15
C ALA A 142 -12.92 18.53 2.67
N ASN A 143 -14.18 18.75 2.31
CA ASN A 143 -14.86 19.98 2.72
C ASN A 143 -15.04 20.03 4.23
N ALA A 144 -15.32 18.89 4.85
CA ALA A 144 -15.54 18.89 6.30
C ALA A 144 -14.23 19.07 7.05
N PHE A 145 -13.14 18.49 6.55
CA PHE A 145 -11.82 18.76 7.14
C PHE A 145 -11.48 20.24 7.06
N GLN A 146 -11.74 20.86 5.91
CA GLN A 146 -11.47 22.28 5.75
C GLN A 146 -12.30 23.10 6.74
N GLN A 147 -13.58 22.77 6.88
CA GLN A 147 -14.44 23.49 7.82
C GLN A 147 -14.00 23.30 9.26
N GLU A 148 -13.58 22.09 9.62
CA GLU A 148 -13.11 21.85 10.99
C GLU A 148 -11.83 22.62 11.29
N ALA A 149 -10.96 22.79 10.29
CA ALA A 149 -9.74 23.56 10.51
C ALA A 149 -10.07 25.01 10.82
N GLN A 150 -11.10 25.54 10.16
CA GLN A 150 -11.46 26.94 10.36
C GLN A 150 -12.08 27.17 11.73
N THR A 151 -13.04 26.31 12.12
CA THR A 151 -13.74 26.51 13.38
C THR A 151 -12.87 26.18 14.57
N SER A 152 -11.89 25.29 14.42
CA SER A 152 -11.03 24.90 15.53
C SER A 152 -9.70 25.65 15.55
N GLY A 153 -9.29 26.25 14.44
CA GLY A 153 -7.99 26.87 14.36
C GLY A 153 -6.81 25.92 14.40
N LYS A 154 -7.05 24.62 14.39
CA LYS A 154 -5.97 23.65 14.34
C LYS A 154 -5.62 23.34 12.88
N GLU A 155 -4.47 22.69 12.70
CA GLU A 155 -4.02 22.33 11.35
C GLU A 155 -4.99 21.35 10.72
N ARG A 156 -5.29 21.57 9.43
CA ARG A 156 -6.30 20.77 8.76
C ARG A 156 -5.90 19.30 8.69
N LEU A 157 -6.87 18.42 8.96
CA LEU A 157 -6.66 16.99 8.78
C LEU A 157 -6.40 16.67 7.32
N LEU A 158 -5.44 15.77 7.08
CA LEU A 158 -5.11 15.34 5.73
C LEU A 158 -6.08 14.28 5.23
N LEU A 159 -6.27 14.23 3.92
CA LEU A 159 -7.08 13.21 3.27
C LEU A 159 -6.27 12.59 2.14
N SER A 160 -6.05 11.27 2.22
CA SER A 160 -5.40 10.52 1.15
C SER A 160 -6.25 9.31 0.82
N ALA A 161 -5.88 8.63 -0.26
CA ALA A 161 -6.57 7.41 -0.64
C ALA A 161 -5.57 6.45 -1.27
N ALA A 162 -5.75 5.16 -1.01
CA ALA A 162 -4.97 4.11 -1.66
C ALA A 162 -5.78 3.63 -2.86
N VAL A 163 -5.16 3.68 -4.04
CA VAL A 163 -5.91 3.49 -5.29
C VAL A 163 -5.31 2.36 -6.12
N PRO A 164 -6.13 1.63 -6.88
CA PRO A 164 -5.63 0.50 -7.66
C PRO A 164 -4.91 0.92 -8.93
N ALA A 165 -4.07 0.00 -9.40
CA ALA A 165 -3.27 0.22 -10.60
C ALA A 165 -3.89 -0.37 -11.86
N GLY A 166 -4.77 -1.37 -11.75
CA GLY A 166 -5.33 -2.00 -12.94
C GLY A 166 -6.52 -1.22 -13.49
N GLN A 167 -6.55 -1.10 -14.83
CA GLN A 167 -7.52 -0.23 -15.48
C GLN A 167 -8.96 -0.66 -15.22
N THR A 168 -9.22 -1.96 -15.08
CA THR A 168 -10.61 -2.35 -14.85
C THR A 168 -11.13 -1.79 -13.53
N TYR A 169 -10.28 -1.77 -12.51
CA TYR A 169 -10.69 -1.22 -11.22
C TYR A 169 -10.77 0.31 -11.26
N VAL A 170 -9.83 0.95 -11.94
CA VAL A 170 -9.83 2.41 -12.02
C VAL A 170 -11.09 2.91 -12.72
N ASP A 171 -11.39 2.33 -13.89
CA ASP A 171 -12.54 2.81 -14.65
C ASP A 171 -13.85 2.45 -13.99
N ALA A 172 -13.88 1.39 -13.19
CA ALA A 172 -15.12 1.00 -12.52
C ALA A 172 -15.47 1.89 -11.34
N GLY A 173 -14.50 2.60 -10.75
CA GLY A 173 -14.83 3.30 -9.52
C GLY A 173 -14.24 4.67 -9.26
N TYR A 174 -13.40 5.19 -10.16
CA TYR A 174 -12.57 6.35 -9.83
C TYR A 174 -12.70 7.43 -10.88
N GLU A 175 -13.33 8.55 -10.49
CA GLU A 175 -13.35 9.76 -11.32
C GLU A 175 -12.07 10.52 -10.99
N VAL A 176 -10.98 10.09 -11.64
CA VAL A 176 -9.62 10.45 -11.24
C VAL A 176 -9.47 11.97 -11.16
N ASP A 177 -9.88 12.68 -12.21
CA ASP A 177 -9.67 14.12 -12.26
C ASP A 177 -10.42 14.84 -11.13
N LYS A 178 -11.58 14.32 -10.73
CA LYS A 178 -12.36 14.97 -9.69
C LYS A 178 -11.77 14.70 -8.31
N ILE A 179 -11.50 13.43 -7.99
CA ILE A 179 -11.02 13.11 -6.65
C ILE A 179 -9.61 13.65 -6.41
N ALA A 180 -8.78 13.73 -7.46
CA ALA A 180 -7.42 14.20 -7.28
C ALA A 180 -7.36 15.63 -6.76
N GLN A 181 -8.37 16.44 -7.08
CA GLN A 181 -8.39 17.81 -6.60
C GLN A 181 -8.66 17.90 -5.11
N ASN A 182 -9.41 16.95 -4.56
CA ASN A 182 -9.80 16.97 -3.16
C ASN A 182 -8.91 16.12 -2.27
N LEU A 183 -8.06 15.27 -2.83
CA LEU A 183 -7.13 14.47 -2.04
C LEU A 183 -5.81 15.20 -1.87
N ASP A 184 -5.27 15.16 -0.66
CA ASP A 184 -3.96 15.75 -0.43
C ASP A 184 -2.86 14.97 -1.14
N PHE A 185 -2.93 13.65 -1.12
CA PHE A 185 -2.04 12.85 -1.95
C PHE A 185 -2.72 11.53 -2.27
N VAL A 186 -2.18 10.85 -3.29
CA VAL A 186 -2.77 9.66 -3.88
C VAL A 186 -1.74 8.55 -3.77
N ASN A 187 -2.05 7.51 -2.98
CA ASN A 187 -1.13 6.40 -2.75
C ASN A 187 -1.42 5.31 -3.78
N LEU A 188 -0.60 5.26 -4.83
CA LEU A 188 -0.83 4.33 -5.93
C LEU A 188 -0.34 2.93 -5.53
N MET A 189 -1.26 1.97 -5.45
CA MET A 189 -0.91 0.59 -5.09
C MET A 189 -0.30 -0.11 -6.30
N ALA A 190 0.95 0.27 -6.62
CA ALA A 190 1.66 -0.27 -7.77
C ALA A 190 2.29 -1.62 -7.43
N TYR A 191 1.43 -2.56 -7.06
CA TYR A 191 1.81 -3.93 -6.76
C TYR A 191 0.55 -4.78 -6.90
N ASP A 192 0.68 -6.08 -6.60
CA ASP A 192 -0.36 -7.06 -6.88
C ASP A 192 -0.77 -7.02 -8.36
N PHE A 193 0.18 -6.73 -9.25
CA PHE A 193 -0.10 -6.79 -10.68
C PHE A 193 -0.34 -8.21 -11.15
N HIS A 194 0.35 -9.17 -10.53
CA HIS A 194 0.18 -10.58 -10.84
C HIS A 194 0.22 -11.36 -9.54
N GLY A 195 -0.34 -12.57 -9.58
CA GLY A 195 -0.38 -13.38 -8.38
C GLY A 195 -1.03 -14.71 -8.69
N SER A 196 -1.18 -15.52 -7.64
CA SER A 196 -1.63 -16.89 -7.84
C SER A 196 -3.10 -16.99 -8.20
N TRP A 197 -3.82 -15.87 -8.34
CA TRP A 197 -5.13 -15.92 -8.97
C TRP A 197 -5.02 -16.19 -10.46
N GLU A 198 -3.83 -16.08 -11.04
CA GLU A 198 -3.58 -16.37 -12.45
C GLU A 198 -2.90 -17.74 -12.58
N LYS A 199 -3.06 -18.34 -13.77
CA LYS A 199 -2.61 -19.70 -14.03
C LYS A 199 -1.17 -19.81 -14.49
N VAL A 200 -0.47 -18.69 -14.64
CA VAL A 200 0.93 -18.68 -15.04
C VAL A 200 1.68 -17.73 -14.12
N THR A 201 2.98 -17.94 -13.98
CA THR A 201 3.74 -17.06 -13.11
C THR A 201 3.80 -15.66 -13.70
N GLY A 202 3.87 -14.68 -12.81
CA GLY A 202 4.00 -13.29 -13.21
C GLY A 202 4.49 -12.51 -12.01
N HIS A 203 5.12 -11.37 -12.27
CA HIS A 203 5.76 -10.63 -11.20
C HIS A 203 4.77 -9.72 -10.47
N ASN A 204 4.97 -9.62 -9.15
CA ASN A 204 4.11 -8.81 -8.30
C ASN A 204 4.10 -7.35 -8.73
N SER A 205 5.24 -6.83 -9.16
CA SER A 205 5.44 -5.38 -9.28
C SER A 205 6.50 -5.09 -10.34
N PRO A 206 6.22 -5.41 -11.60
CA PRO A 206 7.19 -5.13 -12.65
C PRO A 206 7.16 -3.66 -13.05
N LEU A 207 8.34 -3.10 -13.33
CA LEU A 207 8.40 -1.68 -13.67
C LEU A 207 7.89 -1.44 -15.10
N TYR A 208 8.27 -2.30 -16.04
CA TYR A 208 7.85 -2.16 -17.43
C TYR A 208 7.18 -3.44 -17.91
N LYS A 209 6.61 -3.36 -19.11
CA LYS A 209 6.04 -4.52 -19.76
C LYS A 209 7.12 -5.46 -20.26
N ARG A 210 6.76 -6.72 -20.43
CA ARG A 210 7.58 -7.66 -21.15
C ARG A 210 7.35 -7.49 -22.66
N GLN A 211 8.39 -7.76 -23.44
CA GLN A 211 8.27 -7.61 -24.89
C GLN A 211 7.19 -8.51 -25.46
N GLU A 212 6.99 -9.69 -24.87
CA GLU A 212 6.04 -10.66 -25.39
C GLU A 212 4.60 -10.37 -25.01
N GLU A 213 4.36 -9.44 -24.08
CA GLU A 213 3.00 -9.14 -23.63
C GLU A 213 2.25 -8.33 -24.68
N SER A 214 0.92 -8.42 -24.62
CA SER A 214 0.05 -7.67 -25.51
C SER A 214 -1.28 -7.43 -24.81
N GLY A 215 -2.19 -6.73 -25.50
CA GLY A 215 -3.51 -6.45 -24.95
C GLY A 215 -3.46 -5.78 -23.59
N ALA A 216 -4.45 -6.11 -22.76
CA ALA A 216 -4.53 -5.50 -21.44
C ALA A 216 -3.34 -5.85 -20.56
N ALA A 217 -2.76 -7.04 -20.78
CA ALA A 217 -1.61 -7.46 -19.97
C ALA A 217 -0.45 -6.46 -20.08
N ALA A 218 -0.30 -5.80 -21.23
CA ALA A 218 0.82 -4.88 -21.41
C ALA A 218 0.69 -3.61 -20.58
N SER A 219 -0.43 -3.42 -19.88
CA SER A 219 -0.58 -2.29 -18.98
C SER A 219 -0.44 -2.67 -17.52
N LEU A 220 -0.15 -3.94 -17.22
CA LEU A 220 -0.03 -4.38 -15.83
C LEU A 220 1.43 -4.26 -15.37
N ASN A 221 1.87 -3.00 -15.29
CA ASN A 221 3.22 -2.69 -14.82
C ASN A 221 3.22 -1.29 -14.22
N VAL A 222 4.30 -0.97 -13.51
CA VAL A 222 4.36 0.28 -12.76
C VAL A 222 4.29 1.48 -13.70
N ASP A 223 5.08 1.47 -14.77
CA ASP A 223 5.12 2.61 -15.68
C ASP A 223 3.76 2.89 -16.29
N ALA A 224 3.06 1.84 -16.73
CA ALA A 224 1.74 2.04 -17.32
C ALA A 224 0.76 2.56 -16.27
N ALA A 225 0.84 2.06 -15.03
CA ALA A 225 -0.05 2.50 -13.97
C ALA A 225 0.17 3.96 -13.63
N VAL A 226 1.43 4.38 -13.56
CA VAL A 226 1.74 5.79 -13.27
C VAL A 226 1.19 6.67 -14.38
N GLN A 227 1.49 6.33 -15.63
CA GLN A 227 1.00 7.12 -16.76
C GLN A 227 -0.52 7.17 -16.77
N GLN A 228 -1.18 6.07 -16.42
CA GLN A 228 -2.64 6.05 -16.37
C GLN A 228 -3.18 7.13 -15.43
N TRP A 229 -2.68 7.15 -14.19
CA TRP A 229 -3.19 8.08 -13.20
C TRP A 229 -2.80 9.52 -13.52
N LEU A 230 -1.62 9.73 -14.10
CA LEU A 230 -1.23 11.08 -14.54
C LEU A 230 -2.12 11.56 -15.67
N GLN A 231 -2.29 10.74 -16.71
CA GLN A 231 -3.06 11.15 -17.88
C GLN A 231 -4.53 11.34 -17.54
N LYS A 232 -5.05 10.58 -16.58
CA LYS A 232 -6.44 10.74 -16.17
C LYS A 232 -6.65 11.93 -15.22
N GLY A 233 -5.60 12.69 -14.89
CA GLY A 233 -5.78 13.94 -14.18
C GLY A 233 -5.16 14.10 -12.81
N THR A 234 -4.28 13.19 -12.40
CA THR A 234 -3.62 13.33 -11.11
C THR A 234 -2.40 14.23 -11.26
N PRO A 235 -2.29 15.34 -10.54
CA PRO A 235 -1.04 16.10 -10.54
C PRO A 235 0.11 15.22 -10.07
N ALA A 236 1.23 15.30 -10.78
CA ALA A 236 2.37 14.47 -10.45
C ALA A 236 2.79 14.63 -8.99
N SER A 237 2.73 15.86 -8.47
CA SER A 237 3.16 16.11 -7.10
C SER A 237 2.28 15.42 -6.07
N LYS A 238 1.06 15.05 -6.42
CA LYS A 238 0.18 14.33 -5.51
C LYS A 238 0.29 12.82 -5.66
N LEU A 239 0.89 12.33 -6.74
CA LEU A 239 0.96 10.89 -6.99
C LEU A 239 2.14 10.29 -6.26
N ILE A 240 1.87 9.36 -5.34
CA ILE A 240 2.88 8.70 -4.54
C ILE A 240 2.98 7.26 -5.00
N LEU A 241 4.16 6.84 -5.44
CA LEU A 241 4.35 5.54 -6.07
C LEU A 241 4.54 4.45 -5.01
N GLY A 242 3.57 3.53 -4.92
CA GLY A 242 3.69 2.43 -3.98
C GLY A 242 4.76 1.44 -4.36
N MET A 243 5.39 0.87 -3.34
CA MET A 243 6.52 -0.07 -3.46
C MET A 243 6.24 -1.25 -2.53
N PRO A 244 6.39 -2.49 -3.00
CA PRO A 244 6.16 -3.64 -2.11
C PRO A 244 7.42 -4.16 -1.44
N THR A 245 7.39 -4.36 -0.12
CA THR A 245 8.44 -5.13 0.55
C THR A 245 8.07 -6.59 0.71
N TYR A 246 7.27 -7.12 -0.21
CA TYR A 246 6.87 -8.50 -0.22
C TYR A 246 6.88 -8.99 -1.66
N GLY A 247 6.74 -10.31 -1.84
CA GLY A 247 6.64 -10.90 -3.15
C GLY A 247 5.39 -11.77 -3.25
N ARG A 248 5.06 -12.15 -4.48
CA ARG A 248 3.94 -13.04 -4.72
C ARG A 248 4.46 -14.38 -5.21
N SER A 249 3.98 -15.45 -4.60
CA SER A 249 4.52 -16.79 -4.79
C SER A 249 3.54 -17.68 -5.54
N PHE A 250 4.10 -18.66 -6.25
CA PHE A 250 3.36 -19.62 -7.05
C PHE A 250 3.92 -21.02 -6.79
N THR A 251 3.04 -22.01 -6.85
CA THR A 251 3.49 -23.39 -7.01
C THR A 251 3.52 -23.71 -8.50
N LEU A 252 4.70 -24.04 -9.02
CA LEU A 252 4.86 -24.33 -10.44
C LEU A 252 4.23 -25.67 -10.80
N ALA A 253 3.72 -25.76 -12.03
CA ALA A 253 3.22 -27.04 -12.50
C ALA A 253 4.33 -28.08 -12.56
N SER A 254 5.54 -27.64 -12.89
CA SER A 254 6.68 -28.53 -12.94
C SER A 254 7.93 -27.72 -12.61
N SER A 255 8.81 -28.29 -11.78
CA SER A 255 10.06 -27.64 -11.43
C SER A 255 10.98 -27.42 -12.62
N SER A 256 10.69 -28.04 -13.77
CA SER A 256 11.55 -27.92 -14.94
C SER A 256 11.20 -26.71 -15.81
N ASP A 257 10.14 -25.96 -15.48
CA ASP A 257 9.78 -24.74 -16.19
C ASP A 257 9.64 -23.63 -15.15
N THR A 258 10.67 -22.80 -15.03
CA THR A 258 10.71 -21.71 -14.06
C THR A 258 10.63 -20.33 -14.71
N ARG A 259 10.23 -20.27 -15.98
CA ARG A 259 10.16 -19.00 -16.69
C ARG A 259 9.09 -18.09 -16.08
N VAL A 260 9.27 -16.78 -16.30
CA VAL A 260 8.14 -15.86 -16.19
C VAL A 260 7.10 -16.30 -17.23
N GLY A 261 5.89 -16.58 -16.77
CA GLY A 261 4.86 -17.09 -17.64
C GLY A 261 4.74 -18.60 -17.66
N ALA A 262 5.54 -19.31 -16.86
CA ALA A 262 5.43 -20.76 -16.77
C ALA A 262 4.11 -21.15 -16.11
N PRO A 263 3.57 -22.33 -16.43
CA PRO A 263 2.31 -22.75 -15.82
C PRO A 263 2.44 -22.92 -14.31
N ALA A 264 1.43 -22.44 -13.59
CA ALA A 264 1.36 -22.56 -12.14
C ALA A 264 0.09 -23.29 -11.75
N THR A 265 0.14 -24.01 -10.63
CA THR A 265 -0.99 -24.78 -10.14
C THR A 265 -1.72 -24.09 -9.00
N GLY A 266 -1.16 -23.03 -8.43
CA GLY A 266 -1.78 -22.37 -7.31
C GLY A 266 -0.78 -21.51 -6.58
N SER A 267 -1.19 -21.07 -5.38
CA SER A 267 -0.33 -20.21 -4.58
C SER A 267 0.91 -20.97 -4.09
N GLY A 268 1.97 -20.22 -3.84
CA GLY A 268 3.14 -20.81 -3.23
C GLY A 268 2.90 -21.22 -1.79
N THR A 269 3.76 -22.10 -1.31
CA THR A 269 3.71 -22.57 0.07
C THR A 269 3.77 -21.38 1.03
N PRO A 270 2.97 -21.37 2.10
CA PRO A 270 3.03 -20.28 3.07
C PRO A 270 4.41 -20.14 3.69
N GLY A 271 4.81 -18.89 3.95
CA GLY A 271 6.08 -18.61 4.55
C GLY A 271 6.11 -19.00 6.02
N PRO A 272 7.31 -19.25 6.54
CA PRO A 272 7.42 -19.71 7.94
C PRO A 272 6.95 -18.69 8.95
N PHE A 273 6.93 -17.40 8.61
CA PHE A 273 6.47 -16.35 9.52
C PHE A 273 5.13 -15.75 9.10
N THR A 274 4.98 -15.40 7.82
CA THR A 274 3.76 -14.71 7.39
C THR A 274 2.59 -15.67 7.24
N LYS A 275 2.85 -16.95 6.94
CA LYS A 275 1.82 -17.99 6.98
C LYS A 275 0.60 -17.63 6.13
N GLU A 276 0.86 -17.12 4.93
CA GLU A 276 -0.21 -16.71 4.03
C GLU A 276 0.16 -17.15 2.61
N GLY A 277 -0.44 -18.25 2.16
CA GLY A 277 -0.18 -18.76 0.83
C GLY A 277 -0.36 -17.71 -0.24
N GLY A 278 0.59 -17.62 -1.16
CA GLY A 278 0.55 -16.66 -2.22
C GLY A 278 1.39 -15.41 -2.02
N MET A 279 1.91 -15.19 -0.82
CA MET A 279 2.83 -14.08 -0.59
C MET A 279 3.93 -14.47 0.37
N LEU A 280 5.03 -13.72 0.31
CA LEU A 280 6.16 -13.90 1.20
C LEU A 280 6.77 -12.54 1.50
N ALA A 281 7.21 -12.35 2.74
CA ALA A 281 7.90 -11.12 3.09
C ALA A 281 9.29 -11.10 2.46
N TYR A 282 9.87 -9.90 2.37
CA TYR A 282 11.23 -9.79 1.83
C TYR A 282 12.21 -10.64 2.65
N TYR A 283 12.07 -10.64 3.97
CA TYR A 283 12.96 -11.43 4.82
C TYR A 283 12.76 -12.93 4.67
N GLU A 284 11.71 -13.36 3.98
CA GLU A 284 11.49 -14.78 3.70
C GLU A 284 12.02 -15.22 2.35
N VAL A 285 12.48 -14.29 1.50
CA VAL A 285 13.09 -14.63 0.22
C VAL A 285 14.54 -14.17 0.11
N CYS A 286 15.02 -13.31 1.00
CA CYS A 286 16.37 -12.76 0.85
C CYS A 286 17.46 -13.73 1.25
N SER A 287 17.17 -14.71 2.11
CA SER A 287 18.14 -15.70 2.55
C SER A 287 17.52 -17.10 2.51
N TRP A 288 16.94 -17.41 1.36
CA TRP A 288 16.21 -18.66 1.13
C TRP A 288 17.23 -19.71 0.69
N LYS A 289 17.57 -20.63 1.58
CA LYS A 289 18.64 -21.58 1.29
C LYS A 289 18.30 -22.46 0.10
N GLY A 290 19.24 -22.60 -0.83
CA GLY A 290 19.10 -23.49 -1.95
C GLY A 290 18.37 -22.91 -3.15
N ALA A 291 17.84 -21.71 -3.05
CA ALA A 291 17.06 -21.09 -4.13
C ALA A 291 17.97 -20.41 -5.15
N THR A 292 17.41 -20.16 -6.33
CA THR A 292 18.13 -19.55 -7.45
C THR A 292 17.48 -18.21 -7.78
N LYS A 293 18.25 -17.13 -7.63
CA LYS A 293 17.74 -15.80 -7.96
C LYS A 293 17.95 -15.51 -9.43
N GLN A 294 16.98 -14.79 -10.02
CA GLN A 294 16.99 -14.43 -11.43
C GLN A 294 16.50 -12.99 -11.56
N ARG A 295 16.68 -12.42 -12.74
CA ARG A 295 16.14 -11.09 -13.01
C ARG A 295 15.37 -11.11 -14.32
N ILE A 296 14.25 -10.38 -14.35
CA ILE A 296 13.49 -10.18 -15.56
C ILE A 296 14.06 -8.96 -16.26
N GLN A 297 14.76 -9.17 -17.38
CA GLN A 297 15.51 -8.09 -18.01
C GLN A 297 14.58 -6.96 -18.46
N ASP A 298 13.46 -7.29 -19.10
CA ASP A 298 12.52 -6.26 -19.57
C ASP A 298 11.92 -5.47 -18.41
N GLN A 299 11.70 -6.12 -17.27
CA GLN A 299 10.87 -5.54 -16.23
C GLN A 299 11.67 -4.99 -15.05
N LYS A 300 12.99 -5.21 -15.01
CA LYS A 300 13.90 -4.59 -14.05
C LYS A 300 13.64 -5.03 -12.60
N VAL A 301 13.17 -6.26 -12.41
CA VAL A 301 12.85 -6.76 -11.07
C VAL A 301 13.26 -8.23 -10.97
N PRO A 302 13.56 -8.69 -9.76
CA PRO A 302 13.99 -10.08 -9.59
C PRO A 302 12.87 -11.07 -9.36
N TYR A 303 13.18 -12.34 -9.63
CA TYR A 303 12.40 -13.44 -9.07
C TYR A 303 13.37 -14.51 -8.59
N ILE A 304 12.83 -15.48 -7.86
CA ILE A 304 13.64 -16.50 -7.22
C ILE A 304 12.82 -17.77 -7.16
N PHE A 305 13.48 -18.91 -7.31
CA PHE A 305 12.76 -20.19 -7.32
C PHE A 305 13.57 -21.26 -6.59
N ARG A 306 12.84 -22.26 -6.10
CA ARG A 306 13.44 -23.42 -5.46
C ARG A 306 12.45 -24.57 -5.59
N ASP A 307 12.86 -25.62 -6.31
CA ASP A 307 12.00 -26.78 -6.59
C ASP A 307 10.79 -26.28 -7.36
N ASN A 308 9.56 -26.51 -6.88
CA ASN A 308 8.36 -26.07 -7.59
C ASN A 308 7.81 -24.75 -7.03
N GLN A 309 8.62 -23.96 -6.36
CA GLN A 309 8.19 -22.70 -5.76
C GLN A 309 8.83 -21.53 -6.49
N TRP A 310 8.00 -20.54 -6.89
CA TRP A 310 8.41 -19.41 -7.72
C TRP A 310 7.89 -18.13 -7.09
N VAL A 311 8.77 -17.14 -6.87
CA VAL A 311 8.39 -15.90 -6.19
C VAL A 311 8.97 -14.70 -6.92
N GLY A 312 8.12 -13.73 -7.26
CA GLY A 312 8.57 -12.46 -7.79
C GLY A 312 8.51 -11.41 -6.71
N PHE A 313 9.62 -10.71 -6.49
CA PHE A 313 9.73 -9.80 -5.36
C PHE A 313 10.57 -8.59 -5.75
N ASP A 314 10.79 -7.68 -4.79
CA ASP A 314 11.60 -6.50 -4.99
C ASP A 314 12.83 -6.53 -4.08
N ASP A 315 13.97 -6.11 -4.62
CA ASP A 315 15.21 -6.03 -3.84
C ASP A 315 15.73 -4.60 -3.86
N VAL A 316 16.90 -4.41 -3.24
CA VAL A 316 17.49 -3.07 -3.13
C VAL A 316 17.66 -2.46 -4.51
N GLU A 317 18.10 -3.26 -5.48
CA GLU A 317 18.36 -2.75 -6.82
C GLU A 317 17.07 -2.31 -7.51
N SER A 318 15.99 -3.09 -7.39
CA SER A 318 14.74 -2.70 -8.03
C SER A 318 14.12 -1.49 -7.35
N PHE A 319 14.26 -1.36 -6.03
CA PHE A 319 13.80 -0.15 -5.36
C PHE A 319 14.56 1.07 -5.83
N LYS A 320 15.88 0.93 -6.05
CA LYS A 320 16.67 2.04 -6.57
C LYS A 320 16.21 2.43 -7.97
N THR A 321 15.96 1.43 -8.81
CA THR A 321 15.50 1.70 -10.18
C THR A 321 14.16 2.43 -10.16
N LYS A 322 13.27 2.00 -9.30
CA LYS A 322 11.95 2.58 -9.17
C LYS A 322 11.94 4.03 -8.66
N VAL A 323 12.85 4.35 -7.77
CA VAL A 323 12.96 5.69 -7.28
C VAL A 323 13.53 6.62 -8.36
N SER A 324 14.53 6.15 -9.07
CA SER A 324 15.09 6.91 -10.16
C SER A 324 13.95 7.19 -11.16
N TYR A 325 13.09 6.21 -11.36
CA TYR A 325 11.95 6.35 -12.24
C TYR A 325 10.99 7.45 -11.78
N LEU A 326 10.54 7.37 -10.53
CA LEU A 326 9.61 8.33 -10.01
C LEU A 326 10.16 9.75 -10.02
N LYS A 327 11.45 9.88 -9.85
CA LYS A 327 12.09 11.16 -9.91
C LYS A 327 12.04 11.69 -11.33
N GLN A 328 12.36 10.88 -12.32
CA GLN A 328 12.27 11.31 -13.71
C GLN A 328 10.86 11.76 -14.02
N LYS A 329 9.86 11.15 -13.42
CA LYS A 329 8.49 11.53 -13.65
C LYS A 329 7.99 12.70 -12.82
N GLY A 330 8.78 13.14 -11.86
CA GLY A 330 8.37 14.25 -11.02
C GLY A 330 7.29 13.92 -10.01
N LEU A 331 7.20 12.67 -9.57
CA LEU A 331 6.16 12.27 -8.66
C LEU A 331 6.41 12.83 -7.26
N GLY A 332 5.37 12.77 -6.42
CA GLY A 332 5.42 13.34 -5.08
C GLY A 332 6.23 12.56 -4.07
N GLY A 333 6.60 11.33 -4.39
CA GLY A 333 7.37 10.51 -3.46
C GLY A 333 7.04 9.04 -3.65
N ALA A 334 7.38 8.27 -2.63
CA ALA A 334 7.16 6.82 -2.62
C ALA A 334 6.29 6.44 -1.44
N MET A 335 5.57 5.33 -1.61
CA MET A 335 4.78 4.70 -0.56
C MET A 335 5.24 3.25 -0.42
N VAL A 336 5.14 2.70 0.80
CA VAL A 336 5.67 1.36 1.08
C VAL A 336 4.61 0.52 1.79
N TRP A 337 4.35 -0.66 1.24
CA TRP A 337 3.58 -1.71 1.92
C TRP A 337 4.51 -2.91 2.07
N ALA A 338 4.98 -3.20 3.28
CA ALA A 338 4.65 -2.50 4.51
C ALA A 338 5.87 -2.59 5.43
N LEU A 339 5.84 -1.81 6.52
CA LEU A 339 6.97 -1.78 7.45
C LEU A 339 7.37 -3.17 7.93
N ASP A 340 6.38 -3.99 8.31
CA ASP A 340 6.65 -5.28 8.95
C ASP A 340 7.09 -6.36 7.97
N LEU A 341 7.04 -6.10 6.66
CA LEU A 341 7.45 -7.07 5.65
C LEU A 341 8.87 -6.84 5.14
N ASP A 342 9.41 -5.64 5.30
CA ASP A 342 10.84 -5.41 5.19
C ASP A 342 11.55 -6.18 6.31
N ASP A 343 12.88 -6.31 6.19
CA ASP A 343 13.65 -6.90 7.28
C ASP A 343 13.86 -5.83 8.36
N PHE A 344 12.76 -5.53 9.06
CA PHE A 344 12.74 -4.40 10.00
C PHE A 344 13.71 -4.62 11.15
N ALA A 345 13.94 -5.87 11.54
CA ALA A 345 14.84 -6.16 12.65
C ALA A 345 16.26 -6.47 12.20
N GLY A 346 16.49 -6.62 10.90
CA GLY A 346 17.80 -6.98 10.40
C GLY A 346 18.23 -8.40 10.71
N PHE A 347 17.28 -9.32 10.86
CA PHE A 347 17.59 -10.65 11.36
C PHE A 347 17.79 -11.68 10.24
N SER A 348 17.54 -11.34 8.99
CA SER A 348 17.53 -12.36 7.95
C SER A 348 18.41 -12.03 6.76
N CYS A 349 18.45 -10.77 6.33
CA CYS A 349 19.03 -10.45 5.03
C CYS A 349 20.47 -9.97 5.12
N ASN A 350 21.00 -9.76 6.33
CA ASN A 350 22.38 -9.30 6.52
C ASN A 350 22.62 -7.97 5.81
N GLN A 351 21.59 -7.11 5.80
CA GLN A 351 21.70 -5.80 5.19
C GLN A 351 21.36 -4.68 6.18
N GLY A 352 21.30 -4.97 7.47
CA GLY A 352 20.90 -3.99 8.46
C GLY A 352 19.40 -3.93 8.63
N ARG A 353 18.97 -2.98 9.45
CA ARG A 353 17.54 -2.77 9.69
C ARG A 353 16.92 -2.02 8.52
N TYR A 354 15.72 -2.45 8.14
CA TYR A 354 14.94 -1.80 7.09
C TYR A 354 15.74 -1.58 5.80
N PRO A 355 16.38 -2.62 5.25
CA PRO A 355 17.23 -2.40 4.08
C PRO A 355 16.47 -1.82 2.89
N LEU A 356 15.24 -2.27 2.65
CA LEU A 356 14.48 -1.78 1.51
C LEU A 356 14.01 -0.34 1.75
N ILE A 357 13.45 -0.07 2.93
CA ILE A 357 12.91 1.26 3.16
C ILE A 357 14.02 2.28 3.37
N GLN A 358 15.16 1.87 3.96
CA GLN A 358 16.30 2.78 4.03
C GLN A 358 16.82 3.12 2.64
N THR A 359 16.72 2.18 1.69
CA THR A 359 17.06 2.48 0.31
C THR A 359 16.17 3.58 -0.24
N LEU A 360 14.87 3.51 0.01
CA LEU A 360 13.96 4.53 -0.49
C LEU A 360 14.29 5.89 0.09
N ARG A 361 14.56 5.89 1.38
CA ARG A 361 14.86 7.10 2.07
C ARG A 361 16.11 7.75 1.50
N GLN A 362 17.15 6.95 1.31
CA GLN A 362 18.40 7.45 0.77
C GLN A 362 18.26 7.95 -0.67
N GLU A 363 17.63 7.16 -1.52
CA GLU A 363 17.43 7.56 -2.91
C GLU A 363 16.56 8.79 -3.11
N LEU A 364 15.62 8.98 -2.21
CA LEU A 364 14.77 10.14 -2.23
C LEU A 364 15.48 11.32 -1.56
N SER A 365 16.67 11.09 -1.10
CA SER A 365 17.43 12.07 -0.41
C SER A 365 16.62 12.85 0.61
N LEU A 366 15.83 12.15 1.43
CA LEU A 366 15.02 12.78 2.45
C LEU A 366 15.91 13.40 3.49
N PRO A 367 15.48 14.50 4.11
CA PRO A 367 16.30 15.19 5.11
C PRO A 367 16.48 14.34 6.35
N TYR A 368 17.67 14.43 6.95
CA TYR A 368 17.94 13.80 8.24
C TYR A 368 17.30 14.68 9.31
N LEU A 369 16.10 14.34 9.71
CA LEU A 369 15.47 15.08 10.79
C LEU A 369 15.92 14.51 12.13
N PRO A 370 16.34 15.35 13.08
CA PRO A 370 16.76 14.86 14.40
C PRO A 370 15.61 14.14 15.11
#